data_8CG7
#
_entry.id   8CG7
#
_cell.length_a   64.881
_cell.length_b   71.046
_cell.length_c   104.887
_cell.angle_alpha   90.000
_cell.angle_beta   90.000
_cell.angle_gamma   90.000
#
_symmetry.space_group_name_H-M   'P 21 21 21'
#
loop_
_entity.id
_entity.type
_entity.pdbx_description
1 polymer 'Cellular tumor antigen p53'
2 non-polymer 'ZINC ION'
3 non-polymer 5-iodanyl-2-methylsulfonyl-pyrimidine
4 non-polymer 1,2-ETHANEDIOL
5 water water
#
_entity_poly.entity_id   1
_entity_poly.type   'polypeptide(L)'
_entity_poly.pdbx_seq_one_letter_code
;SSSVPSQKTYQGSYGFRLGFLHSGTAKSVTCTYSPALNKLFCQLAKTCPVQLWVDSTPPPGTRVRAMAIYKQSQHMTEVV
RRCPHHERCSDSDGLAPPQHLIRVEGNLRAEYLDDRNTFRHSVVVPCEPPEVGSDCTTIHYNYMCYSSCMGGMNRRPILT
IITLEDSSGNLLGRDSFEVRVCACPGRDRRTEEENLRKKGEPHHELPPGSTKRALPNNT
;
_entity_poly.pdbx_strand_id   A,B
#
loop_
_chem_comp.id
_chem_comp.type
_chem_comp.name
_chem_comp.formula
A1IH3 non-polymer 5-iodanyl-2-methylsulfonyl-pyrimidine 'C5 H5 I N2 O2 S'
EDO non-polymer 1,2-ETHANEDIOL 'C2 H6 O2'
ZN non-polymer 'ZINC ION' 'Zn 2'
#
# COMPACT_ATOMS: atom_id res chain seq x y z
N SER A 3 -12.68 7.02 -0.61
CA SER A 3 -11.45 6.66 -1.29
C SER A 3 -10.26 6.76 -0.33
N VAL A 4 -9.10 6.25 -0.78
CA VAL A 4 -7.91 6.17 0.04
C VAL A 4 -6.76 6.87 -0.68
N PRO A 5 -6.15 7.91 -0.09
CA PRO A 5 -5.00 8.57 -0.72
C PRO A 5 -3.86 7.59 -0.93
N SER A 6 -3.12 7.78 -2.01
CA SER A 6 -1.96 6.94 -2.27
C SER A 6 -0.89 7.14 -1.21
N GLN A 7 -0.18 6.06 -0.90
CA GLN A 7 0.97 6.13 -0.01
C GLN A 7 2.26 5.68 -0.70
N LYS A 8 2.25 5.63 -2.02
CA LYS A 8 3.42 5.15 -2.76
C LYS A 8 4.55 6.16 -2.68
N THR A 9 5.72 5.71 -2.26
CA THR A 9 6.91 6.56 -2.23
C THR A 9 7.27 7.00 -3.64
N TYR A 10 7.53 8.30 -3.80
CA TYR A 10 7.74 8.89 -5.12
C TYR A 10 8.69 10.07 -4.93
N GLN A 11 9.96 9.89 -5.32
CA GLN A 11 10.88 11.01 -5.16
C GLN A 11 10.60 12.12 -6.16
N GLY A 12 10.16 11.78 -7.37
CA GLY A 12 9.84 12.78 -8.37
C GLY A 12 11.09 13.50 -8.91
N SER A 13 10.81 14.55 -9.68
CA SER A 13 11.86 15.27 -10.40
C SER A 13 12.86 15.95 -9.48
N TYR A 14 12.47 16.27 -8.25
CA TYR A 14 13.30 17.03 -7.35
C TYR A 14 13.98 16.17 -6.32
N GLY A 15 13.79 14.85 -6.36
CA GLY A 15 14.46 13.97 -5.42
C GLY A 15 13.99 14.18 -4.01
N PHE A 16 12.68 14.27 -3.84
CA PHE A 16 12.07 14.58 -2.55
C PHE A 16 12.07 13.36 -1.64
N ARG A 17 12.52 13.54 -0.40
CA ARG A 17 12.39 12.50 0.62
C ARG A 17 12.50 13.13 2.01
N LEU A 18 12.01 12.39 3.00
CA LEU A 18 12.05 12.86 4.39
C LEU A 18 13.35 12.47 5.08
N GLY A 19 13.59 13.10 6.22
CA GLY A 19 14.68 12.68 7.09
C GLY A 19 14.27 12.90 8.53
N PHE A 20 14.89 12.13 9.43
CA PHE A 20 14.57 12.20 10.85
C PHE A 20 15.84 12.29 11.68
N LEU A 21 15.73 12.99 12.81
CA LEU A 21 16.83 13.06 13.77
C LEU A 21 17.08 11.71 14.40
N HIS A 22 18.24 11.58 15.06
CA HIS A 22 18.59 10.38 15.81
C HIS A 22 18.48 10.72 17.29
N SER A 23 17.28 10.52 17.84
N SER A 23 17.29 10.53 17.86
CA SER A 23 16.94 10.97 19.18
CA SER A 23 17.04 11.00 19.21
C SER A 23 17.15 9.92 20.25
C SER A 23 17.15 9.90 20.27
N GLY A 24 17.35 8.65 19.87
CA GLY A 24 17.55 7.60 20.86
C GLY A 24 16.26 7.15 21.52
N THR A 25 16.40 6.25 22.51
CA THR A 25 15.25 5.60 23.11
C THR A 25 15.25 5.71 24.64
N ALA A 26 15.92 6.71 25.18
CA ALA A 26 15.90 6.92 26.63
C ALA A 26 14.47 7.21 27.10
N LYS A 27 14.23 6.97 28.39
CA LYS A 27 12.90 7.18 28.96
C LYS A 27 12.47 8.64 28.81
N SER A 28 13.42 9.58 28.79
CA SER A 28 13.07 10.99 28.70
C SER A 28 12.77 11.47 27.28
N VAL A 29 12.97 10.64 26.26
CA VAL A 29 12.76 11.11 24.90
C VAL A 29 11.26 11.33 24.65
N THR A 30 10.94 12.39 23.91
CA THR A 30 9.56 12.76 23.60
C THR A 30 9.17 12.47 22.16
N CYS A 31 10.14 12.24 21.29
CA CYS A 31 9.91 11.96 19.88
C CYS A 31 11.10 11.18 19.39
N THR A 32 10.86 10.03 18.77
CA THR A 32 11.97 9.22 18.27
C THR A 32 11.52 8.40 17.07
N TYR A 33 12.41 8.31 16.09
CA TYR A 33 12.10 7.68 14.83
C TYR A 33 12.88 6.37 14.69
N SER A 34 12.17 5.31 14.28
CA SER A 34 12.77 4.01 14.02
C SER A 34 12.91 3.81 12.53
N PRO A 35 14.12 3.83 11.97
CA PRO A 35 14.28 3.46 10.56
C PRO A 35 13.88 2.03 10.26
N ALA A 36 14.13 1.10 11.19
CA ALA A 36 13.83 -0.30 10.90
C ALA A 36 12.33 -0.53 10.75
N LEU A 37 11.52 0.22 11.49
CA LEU A 37 10.08 0.13 11.42
C LEU A 37 9.43 1.18 10.52
N ASN A 38 10.21 2.13 10.00
CA ASN A 38 9.71 3.36 9.39
C ASN A 38 8.57 3.94 10.20
N LYS A 39 8.85 4.21 11.47
CA LYS A 39 7.79 4.53 12.41
C LYS A 39 8.27 5.58 13.40
N LEU A 40 7.50 6.66 13.52
CA LEU A 40 7.78 7.72 14.48
C LEU A 40 7.00 7.44 15.76
N PHE A 41 7.68 7.54 16.90
CA PHE A 41 7.03 7.42 18.22
C PHE A 41 7.08 8.77 18.91
N CYS A 42 5.94 9.28 19.36
CA CYS A 42 5.96 10.61 19.96
C CYS A 42 4.90 10.72 21.04
N GLN A 43 5.16 11.62 21.99
CA GLN A 43 4.18 11.96 23.00
C GLN A 43 3.15 12.95 22.45
N LEU A 44 2.03 13.04 23.16
CA LEU A 44 0.92 13.87 22.75
C LEU A 44 1.31 15.34 22.67
N ALA A 45 1.07 15.96 21.51
CA ALA A 45 1.23 17.40 21.30
C ALA A 45 2.66 17.87 21.49
N LYS A 46 3.63 16.97 21.35
CA LYS A 46 5.04 17.35 21.44
C LYS A 46 5.61 17.57 20.04
N THR A 47 6.65 18.40 19.97
CA THR A 47 7.30 18.71 18.70
C THR A 47 7.88 17.47 18.05
N CYS A 48 7.53 17.29 16.77
CA CYS A 48 8.09 16.22 15.94
C CYS A 48 8.81 16.85 14.76
N PRO A 49 10.14 16.95 14.80
CA PRO A 49 10.87 17.54 13.67
C PRO A 49 10.95 16.53 12.53
N VAL A 50 10.53 16.95 11.36
CA VAL A 50 10.62 16.13 10.15
C VAL A 50 11.39 16.93 9.12
N GLN A 51 12.50 16.35 8.64
CA GLN A 51 13.32 17.03 7.64
C GLN A 51 12.78 16.78 6.25
N LEU A 52 12.88 17.80 5.40
CA LEU A 52 12.62 17.67 3.97
C LEU A 52 13.93 17.81 3.22
N TRP A 53 14.22 16.82 2.38
CA TRP A 53 15.43 16.81 1.56
C TRP A 53 15.04 16.78 0.09
N VAL A 54 15.74 17.58 -0.72
CA VAL A 54 15.59 17.55 -2.17
C VAL A 54 16.96 17.57 -2.82
N ASP A 55 17.03 17.02 -4.03
CA ASP A 55 18.25 17.08 -4.84
C ASP A 55 18.34 18.39 -5.63
N SER A 56 17.21 18.99 -5.96
CA SER A 56 17.21 20.28 -6.64
C SER A 56 16.00 21.06 -6.14
N THR A 57 16.10 22.37 -6.26
CA THR A 57 15.12 23.27 -5.65
C THR A 57 13.83 23.28 -6.45
N PRO A 58 12.69 22.99 -5.84
CA PRO A 58 11.43 23.04 -6.58
C PRO A 58 11.00 24.48 -6.83
N PRO A 59 10.04 24.70 -7.73
CA PRO A 59 9.66 26.07 -8.12
C PRO A 59 9.05 26.85 -6.97
N PRO A 60 9.11 28.18 -7.02
CA PRO A 60 8.37 28.99 -6.05
C PRO A 60 6.89 28.65 -6.10
N GLY A 61 6.27 28.55 -4.93
CA GLY A 61 4.89 28.14 -4.84
C GLY A 61 4.67 26.66 -4.58
N THR A 62 5.74 25.85 -4.62
CA THR A 62 5.66 24.47 -4.16
C THR A 62 5.26 24.44 -2.69
N ARG A 63 4.48 23.42 -2.31
CA ARG A 63 3.98 23.29 -0.94
C ARG A 63 4.19 21.86 -0.45
N VAL A 64 4.05 21.69 0.87
CA VAL A 64 4.27 20.41 1.53
C VAL A 64 3.05 20.12 2.39
N ARG A 65 2.37 19.01 2.09
CA ARG A 65 1.13 18.65 2.77
C ARG A 65 1.33 17.41 3.61
N ALA A 66 0.72 17.38 4.79
CA ALA A 66 0.70 16.22 5.67
C ALA A 66 -0.74 15.77 5.90
N MET A 67 -0.95 14.46 5.85
CA MET A 67 -2.26 13.86 6.03
C MET A 67 -2.07 12.50 6.71
N ALA A 68 -2.98 12.15 7.61
CA ALA A 68 -2.96 10.85 8.25
C ALA A 68 -4.02 9.92 7.66
N ILE A 69 -3.67 8.64 7.49
CA ILE A 69 -4.63 7.59 7.15
C ILE A 69 -4.38 6.40 8.07
N TYR A 70 -5.42 5.57 8.23
CA TYR A 70 -5.23 4.31 8.95
C TYR A 70 -4.40 3.35 8.11
N LYS A 71 -3.49 2.65 8.77
CA LYS A 71 -2.58 1.74 8.09
C LYS A 71 -3.26 0.44 7.67
N GLN A 72 -4.17 -0.06 8.50
CA GLN A 72 -4.76 -1.38 8.29
C GLN A 72 -5.80 -1.33 7.18
N SER A 73 -5.76 -2.35 6.32
CA SER A 73 -6.65 -2.45 5.17
C SER A 73 -8.12 -2.21 5.55
N GLN A 74 -8.57 -2.81 6.64
CA GLN A 74 -9.97 -2.73 7.01
C GLN A 74 -10.39 -1.37 7.56
N HIS A 75 -9.46 -0.43 7.75
CA HIS A 75 -9.79 0.88 8.28
C HIS A 75 -9.35 2.02 7.38
N MET A 76 -8.73 1.73 6.22
CA MET A 76 -8.14 2.79 5.40
C MET A 76 -9.17 3.81 4.95
N THR A 77 -10.44 3.41 4.81
CA THR A 77 -11.43 4.34 4.29
C THR A 77 -11.97 5.29 5.35
N GLU A 78 -11.64 5.10 6.63
CA GLU A 78 -12.17 5.93 7.70
C GLU A 78 -11.29 7.17 7.89
N VAL A 79 -11.93 8.34 7.95
CA VAL A 79 -11.17 9.58 8.17
C VAL A 79 -10.50 9.55 9.55
N VAL A 80 -9.20 9.83 9.59
CA VAL A 80 -8.48 9.97 10.84
C VAL A 80 -8.78 11.36 11.42
N ARG A 81 -9.31 11.40 12.64
CA ARG A 81 -9.63 12.67 13.29
C ARG A 81 -9.33 12.56 14.78
N ARG A 82 -9.35 13.71 15.45
CA ARG A 82 -9.27 13.68 16.91
C ARG A 82 -10.52 13.08 17.52
N CYS A 83 -10.34 12.46 18.68
CA CYS A 83 -11.37 11.76 19.41
C CYS A 83 -12.38 12.75 19.99
N PRO A 84 -13.53 12.27 20.49
CA PRO A 84 -14.55 13.19 21.01
C PRO A 84 -14.09 14.02 22.20
N HIS A 85 -13.09 13.54 22.94
CA HIS A 85 -12.54 14.30 24.04
C HIS A 85 -11.62 15.41 23.53
N HIS A 86 -10.60 15.05 22.76
CA HIS A 86 -9.59 16.04 22.40
C HIS A 86 -10.12 17.08 21.43
N GLU A 87 -11.10 16.73 20.59
CA GLU A 87 -11.62 17.75 19.68
C GLU A 87 -12.33 18.85 20.44
N ARG A 88 -12.68 18.63 21.71
CA ARG A 88 -13.32 19.63 22.53
C ARG A 88 -12.37 20.22 23.57
N CYS A 89 -11.09 19.95 23.43
CA CYS A 89 -10.10 20.55 24.34
C CYS A 89 -9.87 22.01 24.01
N SER A 90 -9.53 22.79 25.03
CA SER A 90 -9.21 24.19 24.82
C SER A 90 -7.74 24.36 24.51
N ASP A 91 -7.26 23.64 23.48
CA ASP A 91 -5.86 23.68 23.09
C ASP A 91 -5.67 24.29 21.72
N SER A 92 -6.61 25.12 21.27
CA SER A 92 -6.51 25.75 19.97
C SER A 92 -5.23 26.58 19.87
N ASP A 93 -4.60 26.55 18.69
CA ASP A 93 -3.46 27.40 18.42
C ASP A 93 -3.83 28.62 17.59
N GLY A 94 -5.12 28.89 17.41
CA GLY A 94 -5.59 29.99 16.61
C GLY A 94 -5.74 29.69 15.14
N LEU A 95 -5.23 28.57 14.67
CA LEU A 95 -5.22 28.28 13.24
C LEU A 95 -5.74 26.88 12.92
N ALA A 96 -5.31 25.87 13.65
CA ALA A 96 -5.73 24.51 13.36
C ALA A 96 -7.18 24.31 13.81
N PRO A 97 -8.03 23.74 12.97
CA PRO A 97 -9.36 23.34 13.44
C PRO A 97 -9.22 22.31 14.54
N PRO A 98 -10.12 22.33 15.52
CA PRO A 98 -9.98 21.44 16.68
C PRO A 98 -10.10 19.96 16.34
N GLN A 99 -10.68 19.62 15.19
CA GLN A 99 -10.83 18.23 14.78
C GLN A 99 -9.55 17.62 14.22
N HIS A 100 -8.58 18.44 13.80
CA HIS A 100 -7.42 17.95 13.07
C HIS A 100 -6.41 17.27 13.99
N LEU A 101 -6.01 16.05 13.62
CA LEU A 101 -4.96 15.35 14.38
C LEU A 101 -3.60 16.00 14.22
N ILE A 102 -3.21 16.36 13.00
CA ILE A 102 -1.86 16.86 12.70
C ILE A 102 -1.89 18.38 12.63
N ARG A 103 -1.02 19.01 13.41
CA ARG A 103 -0.77 20.45 13.31
C ARG A 103 0.68 20.70 12.90
N VAL A 104 0.89 21.86 12.28
CA VAL A 104 2.23 22.40 12.08
C VAL A 104 2.47 23.45 13.15
N GLU A 105 3.62 23.38 13.79
N GLU A 105 3.59 23.32 13.85
CA GLU A 105 3.96 24.26 14.89
CA GLU A 105 4.00 24.29 14.84
C GLU A 105 4.83 25.43 14.41
C GLU A 105 4.68 25.49 14.19
N GLY A 106 4.43 26.65 14.78
CA GLY A 106 5.24 27.84 14.51
C GLY A 106 5.40 28.21 13.05
N ASN A 107 4.33 28.12 12.27
CA ASN A 107 4.37 28.54 10.87
C ASN A 107 3.05 29.24 10.56
N LEU A 108 3.10 30.57 10.49
CA LEU A 108 1.88 31.36 10.28
C LEU A 108 1.30 31.17 8.89
N ARG A 109 2.03 30.58 7.95
CA ARG A 109 1.52 30.31 6.63
C ARG A 109 0.95 28.89 6.49
N ALA A 110 0.85 28.14 7.58
CA ALA A 110 0.17 26.86 7.53
C ALA A 110 -1.30 27.05 7.20
N GLU A 111 -1.82 26.17 6.36
CA GLU A 111 -3.23 26.16 6.02
C GLU A 111 -3.79 24.78 6.28
N TYR A 112 -5.02 24.75 6.79
CA TYR A 112 -5.68 23.51 7.15
C TYR A 112 -6.84 23.27 6.22
N LEU A 113 -6.90 22.08 5.65
CA LEU A 113 -7.91 21.73 4.66
C LEU A 113 -8.85 20.65 5.20
N ASP A 114 -10.15 20.91 5.09
CA ASP A 114 -11.19 19.89 5.18
CA ASP A 114 -11.18 19.87 5.17
C ASP A 114 -11.64 19.57 3.74
N ASP A 115 -11.24 18.42 3.23
CA ASP A 115 -11.55 18.10 1.84
C ASP A 115 -13.07 18.01 1.63
N ARG A 116 -13.58 18.76 0.65
CA ARG A 116 -15.03 18.83 0.47
C ARG A 116 -15.62 17.52 -0.06
N ASN A 117 -14.81 16.63 -0.60
CA ASN A 117 -15.28 15.36 -1.17
C ASN A 117 -14.96 14.15 -0.32
N THR A 118 -13.73 14.07 0.20
CA THR A 118 -13.32 12.94 1.02
C THR A 118 -13.47 13.20 2.52
N PHE A 119 -13.64 14.45 2.92
CA PHE A 119 -13.74 14.87 4.31
C PHE A 119 -12.45 14.66 5.08
N ARG A 120 -11.36 14.29 4.41
CA ARG A 120 -10.11 14.10 5.10
C ARG A 120 -9.46 15.43 5.43
N HIS A 121 -8.67 15.43 6.50
CA HIS A 121 -7.98 16.59 7.01
C HIS A 121 -6.53 16.59 6.53
N SER A 122 -5.99 17.78 6.32
CA SER A 122 -4.57 17.89 6.01
C SER A 122 -4.11 19.28 6.39
N VAL A 123 -2.80 19.43 6.53
CA VAL A 123 -2.17 20.71 6.82
C VAL A 123 -1.03 20.89 5.82
N VAL A 124 -0.96 22.08 5.23
CA VAL A 124 -0.03 22.35 4.13
C VAL A 124 0.71 23.66 4.41
N VAL A 125 2.00 23.67 4.08
CA VAL A 125 2.84 24.85 4.25
C VAL A 125 3.64 25.08 2.97
N PRO A 126 4.08 26.31 2.73
CA PRO A 126 4.99 26.56 1.60
C PRO A 126 6.31 25.80 1.79
N CYS A 127 6.84 25.26 0.69
CA CYS A 127 8.15 24.62 0.74
C CYS A 127 9.21 25.72 0.77
N GLU A 128 10.05 25.71 1.81
CA GLU A 128 11.06 26.76 1.87
C GLU A 128 12.44 26.17 1.61
N PRO A 129 13.31 26.91 0.92
CA PRO A 129 14.67 26.43 0.73
C PRO A 129 15.42 26.38 2.05
N PRO A 130 16.40 25.49 2.18
CA PRO A 130 17.26 25.53 3.36
C PRO A 130 17.88 26.91 3.50
N GLU A 131 17.94 27.40 4.74
CA GLU A 131 18.58 28.68 4.93
C GLU A 131 20.10 28.51 4.94
N VAL A 132 20.78 29.62 4.71
CA VAL A 132 22.23 29.69 4.57
C VAL A 132 22.92 28.84 5.63
N GLY A 133 23.73 27.88 5.19
CA GLY A 133 24.41 26.99 6.10
C GLY A 133 23.85 25.58 6.10
N SER A 134 22.53 25.46 6.13
CA SER A 134 21.86 24.17 6.26
C SER A 134 21.66 23.51 4.90
N ASP A 135 21.41 22.20 4.93
CA ASP A 135 21.23 21.41 3.73
C ASP A 135 19.83 20.84 3.59
N CYS A 136 18.95 21.08 4.57
CA CYS A 136 17.58 20.65 4.50
C CYS A 136 16.72 21.68 5.19
N THR A 137 15.41 21.50 5.09
CA THR A 137 14.45 22.27 5.85
C THR A 137 13.74 21.33 6.82
N THR A 138 13.25 21.88 7.92
CA THR A 138 12.57 21.09 8.93
C THR A 138 11.17 21.66 9.15
N ILE A 139 10.18 20.78 9.17
CA ILE A 139 8.83 21.14 9.60
C ILE A 139 8.62 20.53 10.97
N HIS A 140 7.96 21.28 11.87
CA HIS A 140 7.70 20.79 13.21
C HIS A 140 6.22 20.42 13.30
N TYR A 141 5.94 19.12 13.40
CA TYR A 141 4.56 18.63 13.50
C TYR A 141 4.18 18.33 14.94
N ASN A 142 2.89 18.44 15.24
CA ASN A 142 2.32 17.96 16.49
C ASN A 142 1.20 16.97 16.17
N TYR A 143 1.12 15.89 16.95
CA TYR A 143 -0.02 14.96 16.88
C TYR A 143 -0.86 15.15 18.13
N MET A 144 -2.16 15.44 17.95
CA MET A 144 -3.00 16.01 19.00
C MET A 144 -3.96 15.00 19.63
N CYS A 145 -3.78 13.70 19.37
N CYS A 145 -3.71 13.70 19.45
CA CYS A 145 -4.48 12.64 20.07
CA CYS A 145 -4.53 12.62 19.99
C CYS A 145 -3.51 11.49 20.28
C CYS A 145 -3.64 11.40 20.17
N TYR A 146 -3.82 10.66 21.26
CA TYR A 146 -3.09 9.41 21.45
C TYR A 146 -3.58 8.35 20.47
N SER A 147 -2.67 7.44 20.07
CA SER A 147 -3.10 6.30 19.27
C SER A 147 -4.20 5.52 19.96
N SER A 148 -4.22 5.52 21.28
CA SER A 148 -5.16 4.73 22.07
C SER A 148 -6.51 5.41 22.32
N CYS A 149 -6.69 6.66 21.87
CA CYS A 149 -7.87 7.43 22.26
C CYS A 149 -9.16 6.74 21.80
N MET A 150 -10.06 6.49 22.76
CA MET A 150 -11.33 5.85 22.44
C MET A 150 -12.21 6.81 21.65
N GLY A 151 -12.93 6.26 20.68
CA GLY A 151 -13.69 7.08 19.77
C GLY A 151 -12.85 7.82 18.74
N GLY A 152 -11.53 7.73 18.81
CA GLY A 152 -10.65 8.28 17.81
C GLY A 152 -9.84 7.17 17.16
N MET A 153 -8.52 7.26 17.23
CA MET A 153 -7.71 6.22 16.59
C MET A 153 -7.94 4.84 17.22
N ASN A 154 -8.29 4.80 18.51
CA ASN A 154 -8.81 3.58 19.13
C ASN A 154 -7.83 2.42 18.98
N ARG A 155 -6.55 2.72 19.16
CA ARG A 155 -5.41 1.79 19.14
C ARG A 155 -5.04 1.34 17.73
N ARG A 156 -5.64 1.90 16.69
CA ARG A 156 -5.33 1.53 15.32
C ARG A 156 -4.13 2.33 14.81
N PRO A 157 -3.12 1.67 14.24
CA PRO A 157 -1.97 2.41 13.72
CA PRO A 157 -1.97 2.43 13.73
C PRO A 157 -2.35 3.30 12.55
N ILE A 158 -1.64 4.43 12.45
CA ILE A 158 -1.82 5.36 11.35
C ILE A 158 -0.50 5.54 10.60
N LEU A 159 -0.62 6.03 9.37
CA LEU A 159 0.50 6.51 8.59
C LEU A 159 0.33 8.00 8.38
N THR A 160 1.43 8.74 8.40
CA THR A 160 1.43 10.11 7.89
C THR A 160 1.99 10.09 6.48
N ILE A 161 1.27 10.71 5.56
CA ILE A 161 1.70 10.85 4.17
C ILE A 161 2.11 12.30 3.96
N ILE A 162 3.35 12.51 3.53
CA ILE A 162 3.85 13.85 3.23
C ILE A 162 3.96 13.96 1.72
N THR A 163 3.26 14.94 1.14
CA THR A 163 3.30 15.15 -0.30
C THR A 163 3.90 16.52 -0.61
N LEU A 164 4.80 16.52 -1.60
CA LEU A 164 5.27 17.74 -2.22
C LEU A 164 4.33 18.04 -3.40
N GLU A 165 3.81 19.27 -3.44
CA GLU A 165 2.78 19.63 -4.40
C GLU A 165 3.17 20.92 -5.11
N ASP A 166 2.73 21.05 -6.36
CA ASP A 166 2.88 22.35 -7.01
C ASP A 166 1.77 23.30 -6.51
N SER A 167 1.74 24.50 -7.09
CA SER A 167 0.82 25.51 -6.59
C SER A 167 -0.65 25.17 -6.85
N SER A 168 -0.93 24.25 -7.77
CA SER A 168 -2.29 23.75 -8.01
C SER A 168 -2.66 22.57 -7.15
N GLY A 169 -1.72 22.02 -6.39
CA GLY A 169 -1.97 20.80 -5.63
C GLY A 169 -1.61 19.52 -6.36
N ASN A 170 -1.01 19.60 -7.56
CA ASN A 170 -0.60 18.41 -8.27
C ASN A 170 0.62 17.78 -7.61
N LEU A 171 0.71 16.46 -7.72
CA LEU A 171 1.75 15.69 -7.06
C LEU A 171 3.13 15.95 -7.66
N LEU A 172 4.10 16.30 -6.80
CA LEU A 172 5.50 16.35 -7.19
C LEU A 172 6.37 15.30 -6.52
N GLY A 173 5.96 14.81 -5.35
CA GLY A 173 6.76 13.85 -4.60
C GLY A 173 5.94 13.38 -3.42
N ARG A 174 6.30 12.21 -2.90
CA ARG A 174 5.55 11.61 -1.80
C ARG A 174 6.46 10.75 -0.93
N ASP A 175 6.25 10.81 0.38
CA ASP A 175 6.94 9.95 1.33
C ASP A 175 5.96 9.70 2.48
N SER A 176 6.27 8.74 3.34
CA SER A 176 5.33 8.39 4.41
C SER A 176 6.05 7.66 5.53
N PHE A 177 5.39 7.62 6.69
CA PHE A 177 5.91 6.93 7.86
C PHE A 177 4.75 6.58 8.78
N GLU A 178 4.88 5.46 9.48
CA GLU A 178 3.91 5.13 10.52
C GLU A 178 4.12 6.03 11.73
N VAL A 179 3.03 6.26 12.49
CA VAL A 179 3.11 7.06 13.72
C VAL A 179 2.43 6.29 14.85
N ARG A 180 3.05 6.28 16.01
CA ARG A 180 2.40 5.89 17.27
C ARG A 180 2.52 7.07 18.23
N VAL A 181 1.38 7.59 18.68
CA VAL A 181 1.35 8.66 19.66
C VAL A 181 1.08 7.99 21.01
N CYS A 182 2.04 8.09 21.92
CA CYS A 182 2.00 7.27 23.13
C CYS A 182 2.70 8.01 24.27
N ALA A 183 2.51 7.49 25.49
CA ALA A 183 3.08 8.10 26.68
C ALA A 183 4.59 7.84 26.78
N CYS A 184 5.04 6.70 26.27
CA CYS A 184 6.46 6.32 26.41
C CYS A 184 7.13 5.92 25.09
N PRO A 185 7.45 6.91 24.25
CA PRO A 185 7.98 6.65 22.90
C PRO A 185 9.28 5.84 22.91
N GLY A 186 10.17 6.16 23.86
CA GLY A 186 11.44 5.46 23.92
C GLY A 186 11.27 3.98 24.22
N ARG A 187 10.49 3.67 25.26
CA ARG A 187 10.22 2.28 25.61
C ARG A 187 9.50 1.56 24.49
N ASP A 188 8.49 2.21 23.88
CA ASP A 188 7.73 1.52 22.85
C ASP A 188 8.56 1.27 21.60
N ARG A 189 9.42 2.23 21.23
CA ARG A 189 10.32 1.98 20.10
C ARG A 189 11.24 0.80 20.40
N ARG A 190 11.80 0.75 21.62
CA ARG A 190 12.63 -0.39 21.99
C ARG A 190 11.86 -1.70 21.89
N THR A 191 10.64 -1.72 22.43
CA THR A 191 9.84 -2.94 22.42
C THR A 191 9.53 -3.38 21.00
N GLU A 192 9.10 -2.46 20.14
CA GLU A 192 8.70 -2.85 18.80
C GLU A 192 9.91 -3.25 17.96
N GLU A 193 11.07 -2.61 18.15
CA GLU A 193 12.26 -3.04 17.43
C GLU A 193 12.73 -4.40 17.91
N GLU A 194 12.53 -4.72 19.19
CA GLU A 194 12.80 -6.06 19.67
C GLU A 194 11.84 -7.09 19.07
N ASN A 195 10.55 -6.76 19.05
CA ASN A 195 9.57 -7.65 18.44
C ASN A 195 9.92 -7.93 16.98
N LEU A 196 10.36 -6.89 16.25
CA LEU A 196 10.78 -7.08 14.87
C LEU A 196 11.98 -8.00 14.77
N ARG A 197 12.97 -7.81 15.66
CA ARG A 197 14.15 -8.67 15.64
C ARG A 197 13.81 -10.12 15.93
N LYS A 198 12.80 -10.35 16.78
CA LYS A 198 12.40 -11.73 17.10
C LYS A 198 11.62 -12.36 15.95
N LYS A 199 10.80 -11.58 15.26
CA LYS A 199 10.05 -12.08 14.12
C LYS A 199 10.93 -12.21 12.88
N SER B 1 -23.60 -19.67 -15.15
CA SER B 1 -22.15 -19.80 -15.18
C SER B 1 -21.56 -19.00 -16.34
N SER B 2 -20.25 -19.09 -16.53
CA SER B 2 -19.55 -18.22 -17.46
C SER B 2 -18.55 -19.02 -18.28
N SER B 3 -18.26 -18.51 -19.48
N SER B 3 -18.24 -18.49 -19.47
CA SER B 3 -17.21 -19.09 -20.31
CA SER B 3 -17.20 -19.05 -20.31
C SER B 3 -15.87 -19.02 -19.58
C SER B 3 -15.86 -19.00 -19.60
N VAL B 4 -14.99 -19.95 -19.93
CA VAL B 4 -13.71 -20.13 -19.23
C VAL B 4 -12.60 -19.49 -20.07
N PRO B 5 -11.91 -18.47 -19.56
CA PRO B 5 -10.77 -17.92 -20.29
C PRO B 5 -9.65 -18.94 -20.41
N SER B 6 -8.89 -18.83 -21.50
CA SER B 6 -7.76 -19.70 -21.71
C SER B 6 -6.69 -19.47 -20.65
N GLN B 7 -6.02 -20.56 -20.26
CA GLN B 7 -4.87 -20.46 -19.37
C GLN B 7 -3.59 -20.92 -20.05
N LYS B 8 -3.62 -21.13 -21.36
CA LYS B 8 -2.48 -21.70 -22.07
C LYS B 8 -1.34 -20.68 -22.17
N THR B 9 -0.14 -21.11 -21.77
CA THR B 9 1.03 -20.26 -21.86
C THR B 9 1.29 -19.87 -23.31
N TYR B 10 1.57 -18.58 -23.52
CA TYR B 10 1.72 -18.05 -24.88
C TYR B 10 2.68 -16.87 -24.80
N GLN B 11 3.93 -17.08 -25.20
CA GLN B 11 4.89 -16.00 -25.10
C GLN B 11 4.63 -14.90 -26.12
N GLY B 12 4.12 -15.25 -27.30
CA GLY B 12 3.79 -14.25 -28.28
C GLY B 12 5.03 -13.59 -28.87
N SER B 13 4.77 -12.53 -29.65
CA SER B 13 5.80 -11.87 -30.44
C SER B 13 6.86 -11.20 -29.59
N TYR B 14 6.52 -10.81 -28.36
CA TYR B 14 7.43 -10.06 -27.50
C TYR B 14 8.14 -10.95 -26.49
N GLY B 15 7.94 -12.27 -26.52
CA GLY B 15 8.58 -13.17 -25.60
C GLY B 15 8.18 -12.91 -24.15
N PHE B 16 6.88 -12.79 -23.93
CA PHE B 16 6.33 -12.42 -22.62
C PHE B 16 6.30 -13.60 -21.69
N ARG B 17 6.79 -13.41 -20.45
CA ARG B 17 6.66 -14.41 -19.41
C ARG B 17 6.83 -13.74 -18.05
N LEU B 18 6.36 -14.42 -17.01
CA LEU B 18 6.44 -13.92 -15.65
C LEU B 18 7.75 -14.30 -14.97
N GLY B 19 8.02 -13.62 -13.87
CA GLY B 19 9.13 -13.98 -13.00
C GLY B 19 8.74 -13.69 -11.56
N PHE B 20 9.41 -14.37 -10.63
CA PHE B 20 9.09 -14.23 -9.21
C PHE B 20 10.37 -14.10 -8.40
N LEU B 21 10.32 -13.31 -7.33
CA LEU B 21 11.45 -13.20 -6.43
C LEU B 21 11.72 -14.54 -5.73
N HIS B 22 12.90 -14.65 -5.14
CA HIS B 22 13.27 -15.83 -4.36
C HIS B 22 13.24 -15.42 -2.90
N SER B 23 12.06 -15.56 -2.28
CA SER B 23 11.79 -15.06 -0.94
C SER B 23 11.99 -16.10 0.15
N GLY B 24 12.15 -17.37 -0.19
CA GLY B 24 12.37 -18.39 0.82
C GLY B 24 11.09 -18.76 1.56
N THR B 25 11.26 -19.58 2.60
CA THR B 25 10.13 -20.15 3.31
C THR B 25 10.17 -19.91 4.81
N ALA B 26 10.91 -18.89 5.27
CA ALA B 26 10.94 -18.57 6.70
C ALA B 26 9.55 -18.22 7.20
N LYS B 27 9.37 -18.32 8.52
CA LYS B 27 8.07 -18.07 9.13
C LYS B 27 7.59 -16.65 8.89
N SER B 28 8.51 -15.70 8.73
CA SER B 28 8.11 -14.31 8.60
C SER B 28 7.72 -13.91 7.17
N VAL B 29 7.93 -14.77 6.18
CA VAL B 29 7.67 -14.36 4.79
CA VAL B 29 7.67 -14.36 4.79
C VAL B 29 6.19 -14.14 4.59
N THR B 30 5.84 -13.13 3.81
CA THR B 30 4.47 -12.76 3.53
C THR B 30 4.03 -13.14 2.13
N CYS B 31 4.99 -13.47 1.26
CA CYS B 31 4.71 -13.89 -0.10
C CYS B 31 5.88 -14.73 -0.56
N THR B 32 5.61 -15.91 -1.12
CA THR B 32 6.71 -16.74 -1.60
C THR B 32 6.23 -17.62 -2.75
N TYR B 33 7.10 -17.82 -3.74
CA TYR B 33 6.75 -18.51 -4.97
C TYR B 33 7.49 -19.84 -5.05
N SER B 34 6.76 -20.90 -5.41
CA SER B 34 7.33 -22.23 -5.59
C SER B 34 7.45 -22.53 -7.08
N PRO B 35 8.65 -22.56 -7.65
CA PRO B 35 8.76 -22.97 -9.06
C PRO B 35 8.35 -24.41 -9.30
N ALA B 36 8.62 -25.32 -8.35
CA ALA B 36 8.27 -26.71 -8.56
C ALA B 36 6.76 -26.91 -8.66
N LEU B 37 5.97 -26.10 -7.94
CA LEU B 37 4.52 -26.18 -7.96
C LEU B 37 3.87 -25.16 -8.91
N ASN B 38 4.65 -24.25 -9.46
CA ASN B 38 4.15 -23.05 -10.14
C ASN B 38 3.04 -22.40 -9.32
N LYS B 39 3.37 -22.10 -8.06
CA LYS B 39 2.34 -21.70 -7.10
C LYS B 39 2.86 -20.60 -6.20
N LEU B 40 2.11 -19.51 -6.12
CA LEU B 40 2.40 -18.40 -5.22
C LEU B 40 1.63 -18.60 -3.91
N PHE B 41 2.33 -18.44 -2.79
CA PHE B 41 1.72 -18.49 -1.46
C PHE B 41 1.81 -17.10 -0.83
N CYS B 42 0.69 -16.56 -0.36
CA CYS B 42 0.73 -15.20 0.16
C CYS B 42 -0.29 -14.98 1.27
N GLN B 43 0.00 -13.99 2.09
CA GLN B 43 -0.93 -13.57 3.12
C GLN B 43 -1.96 -12.61 2.57
N LEU B 44 -3.05 -12.47 3.32
CA LEU B 44 -4.17 -11.64 2.92
C LEU B 44 -3.76 -10.17 2.81
N ALA B 45 -4.06 -9.56 1.67
CA ALA B 45 -3.87 -8.12 1.43
C ALA B 45 -2.42 -7.68 1.54
N LYS B 46 -1.47 -8.57 1.32
CA LYS B 46 -0.07 -8.22 1.38
C LYS B 46 0.52 -8.16 -0.03
N THR B 47 1.63 -7.43 -0.15
CA THR B 47 2.25 -7.22 -1.45
C THR B 47 2.73 -8.52 -2.07
N CYS B 48 2.31 -8.77 -3.31
CA CYS B 48 2.80 -9.90 -4.11
C CYS B 48 3.50 -9.38 -5.35
N PRO B 49 4.84 -9.35 -5.38
CA PRO B 49 5.54 -8.85 -6.56
C PRO B 49 5.54 -9.90 -7.66
N VAL B 50 5.11 -9.49 -8.85
CA VAL B 50 5.14 -10.33 -10.03
C VAL B 50 5.94 -9.58 -11.11
N GLN B 51 7.00 -10.21 -11.60
CA GLN B 51 7.83 -9.62 -12.64
C GLN B 51 7.27 -9.92 -14.01
N LEU B 52 7.39 -8.95 -14.92
CA LEU B 52 7.06 -9.12 -16.32
C LEU B 52 8.35 -9.06 -17.11
N TRP B 53 8.63 -10.11 -17.88
CA TRP B 53 9.82 -10.20 -18.70
C TRP B 53 9.42 -10.25 -20.17
N VAL B 54 10.13 -9.50 -21.00
CA VAL B 54 9.93 -9.53 -22.45
C VAL B 54 11.28 -9.56 -23.14
N ASP B 55 11.31 -10.19 -24.31
CA ASP B 55 12.50 -10.16 -25.15
C ASP B 55 12.61 -8.86 -25.93
N SER B 56 11.50 -8.22 -26.23
CA SER B 56 11.51 -6.94 -26.92
C SER B 56 10.38 -6.08 -26.40
N THR B 57 10.56 -4.78 -26.50
CA THR B 57 9.63 -3.84 -25.89
C THR B 57 8.33 -3.77 -26.68
N PRO B 58 7.18 -4.02 -26.06
CA PRO B 58 5.90 -3.89 -26.76
C PRO B 58 5.54 -2.43 -26.94
N PRO B 59 4.56 -2.14 -27.82
CA PRO B 59 4.25 -0.74 -28.16
C PRO B 59 3.70 0.05 -26.98
N PRO B 60 3.84 1.37 -27.01
CA PRO B 60 3.14 2.19 -26.02
C PRO B 60 1.63 1.91 -26.06
N GLY B 61 1.02 1.83 -24.89
CA GLY B 61 -0.38 1.48 -24.76
C GLY B 61 -0.63 0.02 -24.52
N THR B 62 0.40 -0.81 -24.59
CA THR B 62 0.29 -2.19 -24.13
C THR B 62 -0.11 -2.20 -22.66
N ARG B 63 -0.97 -3.16 -22.28
CA ARG B 63 -1.41 -3.28 -20.90
C ARG B 63 -1.23 -4.71 -20.41
N VAL B 64 -1.37 -4.86 -19.09
CA VAL B 64 -1.20 -6.16 -18.44
C VAL B 64 -2.39 -6.40 -17.52
N ARG B 65 -3.07 -7.52 -17.73
CA ARG B 65 -4.32 -7.83 -17.04
C ARG B 65 -4.14 -9.07 -16.19
N ALA B 66 -4.76 -9.06 -15.02
CA ALA B 66 -4.77 -10.20 -14.11
C ALA B 66 -6.20 -10.64 -13.86
N MET B 67 -6.44 -11.94 -13.92
CA MET B 67 -7.75 -12.53 -13.69
C MET B 67 -7.57 -13.85 -12.96
N ALA B 68 -8.46 -14.15 -12.01
CA ALA B 68 -8.44 -15.43 -11.33
C ALA B 68 -9.49 -16.36 -11.90
N ILE B 69 -9.16 -17.65 -12.02
CA ILE B 69 -10.14 -18.70 -12.31
C ILE B 69 -9.89 -19.86 -11.37
N TYR B 70 -10.94 -20.66 -11.13
CA TYR B 70 -10.76 -21.90 -10.38
C TYR B 70 -9.99 -22.92 -11.20
N LYS B 71 -9.11 -23.65 -10.52
CA LYS B 71 -8.25 -24.63 -11.18
C LYS B 71 -9.00 -25.90 -11.57
N GLN B 72 -9.91 -26.36 -10.71
CA GLN B 72 -10.55 -27.66 -10.90
C GLN B 72 -11.66 -27.60 -11.95
N SER B 73 -11.83 -28.73 -12.66
N SER B 73 -11.84 -28.71 -12.67
CA SER B 73 -12.79 -28.81 -13.75
CA SER B 73 -12.74 -28.72 -13.82
C SER B 73 -14.20 -28.44 -13.29
C SER B 73 -14.17 -28.40 -13.43
N GLN B 74 -14.63 -28.96 -12.14
N GLN B 74 -14.63 -28.90 -12.28
CA GLN B 74 -15.99 -28.74 -11.66
CA GLN B 74 -16.02 -28.67 -11.89
C GLN B 74 -16.24 -27.31 -11.21
C GLN B 74 -16.25 -27.25 -11.39
N HIS B 75 -15.20 -26.47 -11.12
CA HIS B 75 -15.37 -25.11 -10.61
C HIS B 75 -14.95 -24.04 -11.60
N MET B 76 -14.29 -24.40 -12.70
CA MET B 76 -13.73 -23.37 -13.57
C MET B 76 -14.78 -22.47 -14.21
N THR B 77 -16.04 -22.90 -14.35
CA THR B 77 -17.05 -22.01 -14.93
C THR B 77 -17.61 -21.01 -13.92
N GLU B 78 -17.25 -21.11 -12.64
CA GLU B 78 -17.75 -20.21 -11.61
C GLU B 78 -16.84 -19.00 -11.48
N VAL B 79 -17.42 -17.80 -11.45
CA VAL B 79 -16.64 -16.58 -11.26
C VAL B 79 -15.95 -16.61 -9.91
N VAL B 80 -14.63 -16.37 -9.91
CA VAL B 80 -13.89 -16.21 -8.65
C VAL B 80 -14.17 -14.82 -8.10
N ARG B 81 -14.68 -14.75 -6.87
CA ARG B 81 -15.01 -13.47 -6.24
C ARG B 81 -14.69 -13.53 -4.76
N ARG B 82 -14.71 -12.36 -4.12
CA ARG B 82 -14.56 -12.33 -2.67
C ARG B 82 -15.79 -12.94 -2.02
N CYS B 83 -15.57 -13.47 -0.81
CA CYS B 83 -16.57 -14.19 -0.06
C CYS B 83 -17.63 -13.23 0.49
N PRO B 84 -18.74 -13.75 1.03
CA PRO B 84 -19.81 -12.86 1.51
C PRO B 84 -19.37 -11.97 2.65
N HIS B 85 -18.33 -12.35 3.40
CA HIS B 85 -17.80 -11.49 4.45
C HIS B 85 -16.92 -10.38 3.86
N HIS B 86 -15.89 -10.76 3.11
CA HIS B 86 -14.94 -9.74 2.68
C HIS B 86 -15.54 -8.77 1.67
N GLU B 87 -16.52 -9.21 0.86
CA GLU B 87 -17.09 -8.26 -0.10
C GLU B 87 -17.89 -7.15 0.60
N ARG B 88 -18.23 -7.35 1.86
CA ARG B 88 -18.95 -6.37 2.66
C ARG B 88 -18.03 -5.67 3.67
N CYS B 89 -16.73 -5.88 3.53
CA CYS B 89 -15.77 -5.24 4.43
C CYS B 89 -15.54 -3.81 4.02
N SER B 90 -15.14 -3.01 5.00
CA SER B 90 -14.88 -1.61 4.79
C SER B 90 -13.45 -1.41 4.31
N ASP B 91 -13.09 -1.99 3.16
CA ASP B 91 -11.68 -2.00 2.77
C ASP B 91 -11.42 -1.61 1.32
N SER B 92 -12.34 -0.92 0.64
CA SER B 92 -12.04 -0.50 -0.72
C SER B 92 -10.95 0.57 -0.73
N ASP B 93 -10.14 0.58 -1.79
CA ASP B 93 -9.15 1.62 -1.94
C ASP B 93 -9.67 2.82 -2.73
N GLY B 94 -10.91 2.79 -3.19
CA GLY B 94 -11.47 3.81 -4.03
C GLY B 94 -11.51 3.45 -5.50
N LEU B 95 -10.70 2.50 -5.93
CA LEU B 95 -10.67 2.00 -7.30
C LEU B 95 -11.27 0.61 -7.42
N ALA B 96 -10.87 -0.31 -6.57
CA ALA B 96 -11.27 -1.71 -6.72
C ALA B 96 -12.70 -1.91 -6.25
N PRO B 97 -13.57 -2.51 -7.05
CA PRO B 97 -14.87 -2.89 -6.53
C PRO B 97 -14.71 -3.87 -5.38
N PRO B 98 -15.58 -3.80 -4.38
CA PRO B 98 -15.37 -4.66 -3.19
C PRO B 98 -15.50 -6.14 -3.47
N GLN B 99 -16.06 -6.54 -4.60
CA GLN B 99 -16.18 -7.95 -4.94
C GLN B 99 -14.88 -8.54 -5.51
N HIS B 100 -13.93 -7.71 -5.94
CA HIS B 100 -12.78 -8.21 -6.70
C HIS B 100 -11.74 -8.82 -5.76
N LEU B 101 -11.32 -10.04 -6.09
CA LEU B 101 -10.28 -10.72 -5.32
C LEU B 101 -8.91 -10.06 -5.52
N ILE B 102 -8.54 -9.75 -6.76
CA ILE B 102 -7.19 -9.25 -7.07
C ILE B 102 -7.23 -7.74 -7.20
N ARG B 103 -6.34 -7.07 -6.46
CA ARG B 103 -6.09 -5.64 -6.60
C ARG B 103 -4.66 -5.42 -7.04
N VAL B 104 -4.42 -4.27 -7.67
CA VAL B 104 -3.07 -3.76 -7.87
C VAL B 104 -2.78 -2.72 -6.81
N GLU B 105 -1.61 -2.82 -6.18
CA GLU B 105 -1.15 -1.91 -5.15
C GLU B 105 -0.27 -0.84 -5.78
N GLY B 106 -0.51 0.42 -5.41
CA GLY B 106 0.38 1.50 -5.78
C GLY B 106 0.45 1.83 -7.26
N ASN B 107 -0.70 1.82 -7.94
CA ASN B 107 -0.74 2.24 -9.34
C ASN B 107 -2.07 2.92 -9.58
N LEU B 108 -2.05 4.26 -9.63
CA LEU B 108 -3.28 5.03 -9.84
C LEU B 108 -3.87 4.84 -11.22
N ARG B 109 -3.15 4.21 -12.16
CA ARG B 109 -3.69 3.92 -13.48
C ARG B 109 -4.34 2.53 -13.55
N ALA B 110 -4.45 1.83 -12.43
CA ALA B 110 -5.13 0.55 -12.44
C ALA B 110 -6.61 0.74 -12.77
N GLU B 111 -7.14 -0.15 -13.61
CA GLU B 111 -8.55 -0.16 -13.95
C GLU B 111 -9.13 -1.54 -13.66
N TYR B 112 -10.36 -1.56 -13.18
CA TYR B 112 -11.05 -2.78 -12.78
C TYR B 112 -12.23 -3.03 -13.70
N LEU B 113 -12.31 -4.25 -14.24
CA LEU B 113 -13.35 -4.62 -15.18
C LEU B 113 -14.29 -5.65 -14.56
N ASP B 114 -15.60 -5.37 -14.62
CA ASP B 114 -16.67 -6.36 -14.51
C ASP B 114 -17.10 -6.69 -15.92
N ASP B 115 -16.73 -7.86 -16.42
CA ASP B 115 -17.04 -8.18 -17.81
C ASP B 115 -18.57 -8.25 -18.01
N ARG B 116 -19.08 -7.51 -19.00
CA ARG B 116 -20.53 -7.43 -19.15
C ARG B 116 -21.16 -8.73 -19.61
N ASN B 117 -20.38 -9.64 -20.18
CA ASN B 117 -20.93 -10.90 -20.68
C ASN B 117 -20.59 -12.09 -19.79
N THR B 118 -19.36 -12.18 -19.32
CA THR B 118 -18.94 -13.31 -18.49
C THR B 118 -19.06 -13.03 -17.01
N PHE B 119 -19.23 -11.76 -16.61
CA PHE B 119 -19.26 -11.32 -15.22
C PHE B 119 -17.94 -11.57 -14.48
N ARG B 120 -16.88 -11.94 -15.18
CA ARG B 120 -15.62 -12.15 -14.51
C ARG B 120 -14.92 -10.84 -14.21
N HIS B 121 -14.10 -10.86 -13.17
CA HIS B 121 -13.40 -9.66 -12.70
C HIS B 121 -11.96 -9.69 -13.18
N SER B 122 -11.42 -8.51 -13.45
CA SER B 122 -10.00 -8.43 -13.75
C SER B 122 -9.52 -7.03 -13.42
N VAL B 123 -8.20 -6.90 -13.26
CA VAL B 123 -7.56 -5.61 -13.03
C VAL B 123 -6.43 -5.47 -14.04
N VAL B 124 -6.33 -4.28 -14.64
CA VAL B 124 -5.42 -4.05 -15.76
C VAL B 124 -4.66 -2.74 -15.53
N VAL B 125 -3.37 -2.75 -15.85
CA VAL B 125 -2.51 -1.56 -15.73
C VAL B 125 -1.72 -1.41 -17.03
N PRO B 126 -1.22 -0.21 -17.29
CA PRO B 126 -0.28 -0.05 -18.42
C PRO B 126 0.98 -0.85 -18.18
N CYS B 127 1.50 -1.44 -19.27
CA CYS B 127 2.78 -2.13 -19.23
C CYS B 127 3.88 -1.08 -19.36
N GLU B 128 4.67 -0.90 -18.31
CA GLU B 128 5.72 0.09 -18.39
C GLU B 128 7.06 -0.59 -18.66
N PRO B 129 7.95 0.05 -19.42
CA PRO B 129 9.29 -0.50 -19.61
C PRO B 129 10.06 -0.48 -18.31
N PRO B 130 11.07 -1.33 -18.16
CA PRO B 130 11.86 -1.34 -16.92
C PRO B 130 12.52 0.02 -16.68
N GLU B 131 12.62 0.38 -15.41
CA GLU B 131 13.37 1.57 -15.03
C GLU B 131 14.86 1.35 -15.27
N VAL B 132 15.59 2.46 -15.41
CA VAL B 132 17.04 2.37 -15.57
C VAL B 132 17.60 1.60 -14.38
N GLY B 133 18.47 0.62 -14.68
CA GLY B 133 19.02 -0.23 -13.65
C GLY B 133 18.23 -1.47 -13.34
N SER B 134 17.14 -1.73 -14.06
CA SER B 134 16.36 -2.95 -13.91
C SER B 134 16.18 -3.60 -15.26
N ASP B 135 16.08 -4.93 -15.26
CA ASP B 135 15.87 -5.69 -16.48
C ASP B 135 14.42 -6.10 -16.69
N CYS B 136 13.55 -5.81 -15.73
CA CYS B 136 12.15 -6.18 -15.86
C CYS B 136 11.29 -5.13 -15.15
N THR B 137 10.00 -5.23 -15.38
CA THR B 137 9.01 -4.43 -14.68
CA THR B 137 9.04 -4.43 -14.64
C THR B 137 8.32 -5.32 -13.65
N THR B 138 7.88 -4.72 -12.54
CA THR B 138 7.24 -5.46 -11.47
C THR B 138 5.87 -4.84 -11.21
N ILE B 139 4.86 -5.68 -11.07
CA ILE B 139 3.54 -5.28 -10.61
C ILE B 139 3.36 -5.82 -9.20
N HIS B 140 2.75 -5.02 -8.33
CA HIS B 140 2.44 -5.44 -6.97
C HIS B 140 0.96 -5.77 -6.90
N TYR B 141 0.65 -7.05 -6.69
CA TYR B 141 -0.73 -7.49 -6.54
C TYR B 141 -1.06 -7.73 -5.07
N ASN B 142 -2.34 -7.58 -4.73
CA ASN B 142 -2.89 -7.96 -3.43
C ASN B 142 -4.05 -8.92 -3.66
N TYR B 143 -4.11 -9.98 -2.87
CA TYR B 143 -5.26 -10.90 -2.87
C TYR B 143 -6.09 -10.66 -1.62
N MET B 144 -7.40 -10.43 -1.80
CA MET B 144 -8.22 -9.82 -0.75
C MET B 144 -9.18 -10.80 -0.07
N CYS B 145 -8.98 -12.10 -0.27
CA CYS B 145 -9.68 -13.18 0.43
C CYS B 145 -8.71 -14.31 0.70
N TYR B 146 -8.96 -15.07 1.76
CA TYR B 146 -8.23 -16.32 1.96
C TYR B 146 -8.76 -17.41 1.05
N SER B 147 -7.87 -18.31 0.64
CA SER B 147 -8.29 -19.50 -0.10
C SER B 147 -9.37 -20.27 0.65
N SER B 148 -9.33 -20.26 1.98
CA SER B 148 -10.28 -20.98 2.81
C SER B 148 -11.61 -20.26 3.04
N CYS B 149 -11.82 -19.04 2.54
CA CYS B 149 -13.00 -18.27 2.94
C CYS B 149 -14.28 -18.98 2.54
N MET B 150 -15.15 -19.24 3.53
CA MET B 150 -16.39 -19.92 3.23
C MET B 150 -17.33 -19.02 2.44
N GLY B 151 -18.06 -19.62 1.51
CA GLY B 151 -18.90 -18.88 0.59
C GLY B 151 -18.16 -18.18 -0.53
N GLY B 152 -16.83 -18.17 -0.49
CA GLY B 152 -16.03 -17.66 -1.58
C GLY B 152 -15.21 -18.78 -2.17
N MET B 153 -13.88 -18.66 -2.14
CA MET B 153 -13.05 -19.71 -2.71
C MET B 153 -13.26 -21.06 -2.01
N ASN B 154 -13.54 -21.04 -0.71
CA ASN B 154 -13.98 -22.23 0.03
CA ASN B 154 -14.01 -22.24 -0.01
C ASN B 154 -13.04 -23.42 -0.18
N ARG B 155 -11.74 -23.13 -0.03
CA ARG B 155 -10.63 -24.08 -0.09
CA ARG B 155 -10.64 -24.10 -0.09
C ARG B 155 -10.35 -24.59 -1.50
N ARG B 156 -11.04 -24.06 -2.51
CA ARG B 156 -10.80 -24.48 -3.89
C ARG B 156 -9.61 -23.73 -4.46
N PRO B 157 -8.65 -24.43 -5.07
CA PRO B 157 -7.47 -23.76 -5.63
CA PRO B 157 -7.47 -23.75 -5.62
C PRO B 157 -7.83 -22.88 -6.82
N ILE B 158 -7.11 -21.77 -6.94
CA ILE B 158 -7.30 -20.86 -8.06
C ILE B 158 -5.99 -20.68 -8.81
N LEU B 159 -6.13 -20.23 -10.04
CA LEU B 159 -5.03 -19.77 -10.88
C LEU B 159 -5.21 -18.29 -11.13
N THR B 160 -4.09 -17.57 -11.18
CA THR B 160 -4.07 -16.23 -11.75
C THR B 160 -3.53 -16.31 -13.16
N ILE B 161 -4.27 -15.74 -14.11
CA ILE B 161 -3.87 -15.64 -15.50
C ILE B 161 -3.45 -14.21 -15.74
N ILE B 162 -2.21 -14.03 -16.19
CA ILE B 162 -1.70 -12.71 -16.55
C ILE B 162 -1.65 -12.64 -18.06
N THR B 163 -2.31 -11.65 -18.64
CA THR B 163 -2.31 -11.46 -20.08
C THR B 163 -1.69 -10.12 -20.44
N LEU B 164 -0.81 -10.16 -21.44
CA LEU B 164 -0.30 -8.97 -22.11
C LEU B 164 -1.25 -8.65 -23.26
N GLU B 165 -1.74 -7.41 -23.31
CA GLU B 165 -2.77 -7.00 -24.25
C GLU B 165 -2.35 -5.74 -24.98
N ASP B 166 -2.81 -5.59 -26.23
CA ASP B 166 -2.63 -4.29 -26.87
C ASP B 166 -3.69 -3.31 -26.35
N SER B 167 -3.70 -2.09 -26.90
CA SER B 167 -4.58 -1.05 -26.38
C SER B 167 -6.05 -1.34 -26.62
N SER B 168 -6.38 -2.26 -27.55
CA SER B 168 -7.76 -2.70 -27.77
C SER B 168 -8.16 -3.86 -26.87
N GLY B 169 -7.23 -4.44 -26.12
CA GLY B 169 -7.49 -5.64 -25.36
C GLY B 169 -7.20 -6.94 -26.09
N ASN B 170 -6.64 -6.90 -27.30
CA ASN B 170 -6.28 -8.12 -28.00
C ASN B 170 -5.07 -8.80 -27.36
N LEU B 171 -5.06 -10.12 -27.41
CA LEU B 171 -4.03 -10.91 -26.75
C LEU B 171 -2.66 -10.71 -27.40
N LEU B 172 -1.66 -10.42 -26.56
CA LEU B 172 -0.26 -10.45 -27.03
C LEU B 172 0.57 -11.53 -26.37
N GLY B 173 0.24 -11.92 -25.15
CA GLY B 173 0.99 -12.93 -24.41
C GLY B 173 0.17 -13.38 -23.22
N ARG B 174 0.50 -14.57 -22.72
CA ARG B 174 -0.23 -15.12 -21.58
C ARG B 174 0.68 -15.99 -20.74
N ASP B 175 0.49 -15.91 -19.42
CA ASP B 175 1.19 -16.77 -18.46
C ASP B 175 0.25 -16.95 -17.27
N SER B 176 0.59 -17.86 -16.36
CA SER B 176 -0.32 -18.15 -15.26
C SER B 176 0.42 -18.85 -14.14
N PHE B 177 -0.18 -18.79 -12.95
CA PHE B 177 0.37 -19.44 -11.76
C PHE B 177 -0.77 -19.73 -10.79
N GLU B 178 -0.62 -20.81 -10.04
CA GLU B 178 -1.57 -21.10 -8.98
C GLU B 178 -1.31 -20.17 -7.79
N VAL B 179 -2.36 -19.91 -7.00
CA VAL B 179 -2.25 -19.05 -5.82
C VAL B 179 -2.92 -19.72 -4.64
N ARG B 180 -2.26 -19.68 -3.48
CA ARG B 180 -2.89 -19.99 -2.20
C ARG B 180 -2.74 -18.77 -1.30
N VAL B 181 -3.86 -18.22 -0.85
CA VAL B 181 -3.85 -17.10 0.08
C VAL B 181 -4.09 -17.70 1.46
N CYS B 182 -3.10 -17.55 2.35
CA CYS B 182 -3.11 -18.30 3.59
C CYS B 182 -2.35 -17.51 4.66
N ALA B 183 -2.51 -17.95 5.91
CA ALA B 183 -1.90 -17.26 7.03
C ALA B 183 -0.41 -17.52 7.13
N CYS B 184 0.02 -18.69 6.66
CA CYS B 184 1.44 -19.10 6.81
C CYS B 184 2.03 -19.58 5.50
N PRO B 185 2.33 -18.62 4.60
CA PRO B 185 2.85 -18.95 3.26
C PRO B 185 4.12 -19.79 3.29
N GLY B 186 5.06 -19.42 4.16
CA GLY B 186 6.33 -20.15 4.21
C GLY B 186 6.12 -21.59 4.62
N ARG B 187 5.35 -21.79 5.70
CA ARG B 187 5.06 -23.14 6.16
C ARG B 187 4.31 -23.94 5.10
N ASP B 188 3.32 -23.32 4.45
CA ASP B 188 2.52 -24.07 3.50
C ASP B 188 3.32 -24.41 2.25
N ARG B 189 4.20 -23.51 1.80
CA ARG B 189 5.06 -23.86 0.67
C ARG B 189 5.94 -25.05 1.02
N ARG B 190 6.57 -25.00 2.19
CA ARG B 190 7.43 -26.11 2.62
C ARG B 190 6.65 -27.42 2.63
N THR B 191 5.45 -27.40 3.21
CA THR B 191 4.63 -28.61 3.28
C THR B 191 4.33 -29.16 1.89
N GLU B 192 3.81 -28.29 1.00
CA GLU B 192 3.40 -28.77 -0.32
C GLU B 192 4.59 -29.20 -1.16
N GLU B 193 5.75 -28.56 -0.99
CA GLU B 193 6.94 -29.01 -1.70
C GLU B 193 7.45 -30.32 -1.14
N GLU B 194 7.28 -30.56 0.15
CA GLU B 194 7.62 -31.84 0.74
C GLU B 194 6.71 -32.94 0.20
N ASN B 195 5.39 -32.67 0.15
CA ASN B 195 4.46 -33.62 -0.45
C ASN B 195 4.86 -33.96 -1.88
N LEU B 196 5.17 -32.93 -2.68
CA LEU B 196 5.59 -33.15 -4.06
C LEU B 196 6.83 -34.03 -4.12
N ARG B 197 7.80 -33.77 -3.25
CA ARG B 197 9.03 -34.57 -3.24
C ARG B 197 8.74 -36.04 -2.98
N LYS B 198 7.65 -36.34 -2.29
CA LYS B 198 7.24 -37.73 -2.04
C LYS B 198 6.30 -38.22 -3.15
ZN ZN C . -7.83 11.94 21.83
N1 A1IH3 D . -8.21 20.41 27.00
C4 A1IH3 D . -8.09 18.69 29.10
N2 A1IH3 D . -8.31 18.19 27.88
C3 A1IH3 D . -8.36 19.10 26.90
I1 A1IH3 D . -7.57 20.77 31.27
C1 A1IH3 D . -7.92 20.04 29.34
C2 A1IH3 D . -7.99 20.87 28.24
N1 A1IH3 E . 7.96 6.77 29.32
C4 A1IH3 E . 6.83 8.24 31.30
N2 A1IH3 E . 6.09 7.30 30.70
C3 A1IH3 E . 6.71 6.61 29.74
I1 A1IH3 E . 9.26 9.98 31.94
C1 A1IH3 E . 8.14 8.49 30.96
C2 A1IH3 E . 8.67 7.71 29.95
C1 EDO F . 14.87 -9.94 -21.41
O1 EDO F . 13.71 -10.53 -20.85
C2 EDO F . 15.22 -10.68 -22.70
O2 EDO F . 15.13 -12.08 -22.48
ZN ZN G . -13.01 -13.79 2.29
N1 A1IH3 H . -14.00 -5.11 7.12
C4 A1IH3 H . -13.75 -6.66 9.34
N2 A1IH3 H . -13.94 -7.26 8.16
C3 A1IH3 H . -14.05 -6.44 7.11
I1 A1IH3 H . -13.38 -4.41 11.35
C1 A1IH3 H . -13.68 -5.29 9.47
C2 A1IH3 H . -13.80 -4.54 8.32
N1 A1IH3 I . 3.04 -18.51 9.60
C4 A1IH3 I . 2.26 -17.39 11.96
N2 A1IH3 I . 1.43 -18.23 11.33
C3 A1IH3 I . 1.87 -18.75 10.19
I1 A1IH3 I . 4.79 -15.73 12.45
C1 A1IH3 I . 3.51 -17.06 11.44
C2 A1IH3 I . 3.86 -17.66 10.24
#